data_9GBF
#
_entry.id   9GBF
#
_cell.length_a   36.131
_cell.length_b   45.249
_cell.length_c   60.646
_cell.angle_alpha   90.000
_cell.angle_beta   99.650
_cell.angle_gamma   90.000
#
_symmetry.space_group_name_H-M   'P 1 21 1'
#
loop_
_entity.id
_entity.type
_entity.pdbx_description
1 polymer 'Histone-lysine N-methyltransferase NSD2'
2 non-polymer 'ZINC ION'
3 non-polymer 'SODIUM ION'
4 non-polymer DI(HYDROXYETHYL)ETHER
5 non-polymer '4-(2-HYDROXYETHYL)-1-PIPERAZINE ETHANESULFONIC ACID'
6 water water
#
_entity_poly.entity_id   1
_entity_poly.type   'polypeptide(L)'
_entity_poly.pdbx_seq_one_letter_code
;RAKGEGKRQSEDECFRCGDGGQLVLCDRKFCTKAYHLSCLGLGKRPFGKWECPWHHCDVCGKPSTSFCHLCPNSFCKEHQ
DGTAFSCTPDGRSYCSEHDLGAA
;
_entity_poly.pdbx_strand_id   A,B
#
# COMPACT_ATOMS: atom_id res chain seq x y z
N SER A 10 -1.88 -1.78 -20.91
CA SER A 10 -1.92 -0.55 -20.10
C SER A 10 -2.88 0.56 -20.61
N GLU A 11 -3.93 0.85 -19.86
CA GLU A 11 -4.88 1.88 -20.27
C GLU A 11 -4.22 3.25 -20.22
N ASP A 12 -4.71 4.14 -21.06
CA ASP A 12 -4.12 5.46 -21.25
C ASP A 12 -4.86 6.56 -20.51
N GLU A 13 -5.91 6.21 -19.79
CA GLU A 13 -6.69 7.16 -19.01
C GLU A 13 -6.87 6.63 -17.60
N CYS A 14 -6.78 7.53 -16.63
CA CYS A 14 -7.03 7.19 -15.25
C CYS A 14 -8.40 6.50 -15.05
N PHE A 15 -8.39 5.36 -14.39
CA PHE A 15 -9.63 4.66 -14.14
C PHE A 15 -10.50 5.37 -13.10
N ARG A 16 -9.93 6.20 -12.22
CA ARG A 16 -10.76 6.93 -11.26
C ARG A 16 -11.39 8.14 -11.93
N CYS A 17 -10.61 8.98 -12.61
CA CYS A 17 -11.16 10.26 -13.04
C CYS A 17 -11.44 10.39 -14.51
N GLY A 18 -10.97 9.48 -15.34
CA GLY A 18 -11.25 9.49 -16.76
C GLY A 18 -10.27 10.23 -17.65
N ASP A 19 -9.36 11.04 -17.10
CA ASP A 19 -8.47 11.85 -17.91
C ASP A 19 -7.10 11.23 -18.05
N GLY A 20 -6.32 11.79 -19.00
CA GLY A 20 -5.00 11.27 -19.28
C GLY A 20 -3.92 11.97 -18.47
N GLY A 21 -2.69 11.76 -18.90
CA GLY A 21 -1.56 12.51 -18.36
C GLY A 21 -0.52 11.62 -17.71
N GLN A 22 -0.09 11.94 -16.49
CA GLN A 22 1.01 11.19 -15.86
C GLN A 22 0.34 10.18 -14.97
N LEU A 23 0.41 8.89 -15.36
CA LEU A 23 -0.34 7.78 -14.77
C LEU A 23 0.60 6.72 -14.19
N VAL A 24 0.16 6.08 -13.11
CA VAL A 24 0.86 4.97 -12.50
C VAL A 24 0.09 3.72 -12.80
N LEU A 25 0.80 2.62 -12.97
CA LEU A 25 0.19 1.36 -13.34
C LEU A 25 0.17 0.37 -12.19
N CYS A 26 -0.90 -0.40 -12.15
CA CYS A 26 -1.14 -1.43 -11.18
C CYS A 26 -0.24 -2.64 -11.38
N ASP A 27 0.30 -3.23 -10.28
CA ASP A 27 1.16 -4.36 -10.43
C ASP A 27 0.47 -5.71 -10.30
N ARG A 28 -0.84 -5.75 -10.00
CA ARG A 28 -1.51 -7.03 -9.93
C ARG A 28 -1.41 -7.70 -11.29
N LYS A 29 -1.19 -9.01 -11.30
CA LYS A 29 -1.14 -9.77 -12.55
C LYS A 29 -2.37 -9.51 -13.37
N PHE A 30 -2.15 -9.17 -14.64
CA PHE A 30 -3.07 -8.91 -15.72
C PHE A 30 -3.93 -7.65 -15.54
N CYS A 31 -3.74 -6.85 -14.50
CA CYS A 31 -4.51 -5.62 -14.35
C CYS A 31 -3.91 -4.57 -15.26
N THR A 32 -4.76 -3.91 -16.05
CA THR A 32 -4.33 -2.92 -17.05
C THR A 32 -4.69 -1.53 -16.60
N LYS A 33 -5.12 -1.41 -15.35
CA LYS A 33 -5.72 -0.17 -14.92
C LYS A 33 -4.61 0.77 -14.50
N ALA A 34 -4.76 2.03 -14.86
CA ALA A 34 -3.76 3.10 -14.62
C ALA A 34 -4.40 4.29 -13.91
N TYR A 35 -3.60 5.06 -13.14
CA TYR A 35 -4.17 6.11 -12.27
C TYR A 35 -3.23 7.28 -12.12
N HIS A 36 -3.77 8.49 -11.94
CA HIS A 36 -2.96 9.58 -11.42
C HIS A 36 -2.59 9.34 -9.95
N LEU A 37 -1.43 9.85 -9.57
CA LEU A 37 -1.00 9.83 -8.16
C LEU A 37 -1.97 10.61 -7.27
N SER A 38 -2.37 11.79 -7.70
CA SER A 38 -3.28 12.60 -6.91
C SER A 38 -4.65 11.93 -6.71
N CYS A 39 -5.11 11.14 -7.70
CA CYS A 39 -6.40 10.47 -7.64
C CYS A 39 -6.32 9.30 -6.65
N LEU A 40 -5.13 8.87 -6.31
CA LEU A 40 -4.95 7.78 -5.36
C LEU A 40 -4.61 8.25 -3.97
N GLY A 41 -4.39 9.53 -3.77
CA GLY A 41 -3.86 10.00 -2.51
C GLY A 41 -2.40 9.72 -2.26
N LEU A 42 -1.60 9.52 -3.29
CA LEU A 42 -0.17 9.37 -3.13
C LEU A 42 0.53 10.61 -3.66
N GLY A 43 1.65 10.96 -3.04
CA GLY A 43 2.46 12.09 -3.48
C GLY A 43 3.63 11.71 -4.37
N LYS A 44 4.00 10.43 -4.32
CA LYS A 44 5.14 9.90 -5.07
C LYS A 44 4.73 8.53 -5.61
N ARG A 45 5.43 8.10 -6.67
CA ARG A 45 5.12 6.80 -7.23
C ARG A 45 5.36 5.72 -6.18
N PRO A 46 4.61 4.61 -6.24
CA PRO A 46 4.75 3.55 -5.23
C PRO A 46 6.17 3.02 -5.17
N PHE A 47 6.59 2.64 -3.94
CA PHE A 47 7.97 2.24 -3.69
C PHE A 47 8.21 0.71 -3.66
N GLY A 48 7.22 -0.07 -3.98
CA GLY A 48 7.36 -1.50 -4.15
C GLY A 48 6.15 -1.95 -4.91
N LYS A 49 5.79 -3.22 -4.72
CA LYS A 49 4.59 -3.74 -5.38
C LYS A 49 3.38 -2.97 -4.88
N TRP A 50 2.62 -2.41 -5.80
CA TRP A 50 1.43 -1.64 -5.47
C TRP A 50 0.26 -2.27 -6.21
N GLU A 51 -0.82 -2.56 -5.51
CA GLU A 51 -2.09 -2.97 -6.13
C GLU A 51 -3.16 -1.88 -6.05
N CYS A 52 -3.85 -1.66 -7.16
CA CYS A 52 -4.72 -0.54 -7.28
C CYS A 52 -6.05 -0.80 -6.55
N PRO A 53 -6.87 0.23 -6.38
CA PRO A 53 -8.09 0.11 -5.54
C PRO A 53 -9.20 -0.77 -6.08
N TRP A 54 -9.14 -1.20 -7.34
CA TRP A 54 -10.15 -2.09 -7.87
C TRP A 54 -10.14 -3.40 -7.14
N HIS A 55 -9.02 -3.73 -6.54
CA HIS A 55 -8.91 -5.07 -5.99
C HIS A 55 -9.40 -5.18 -4.55
N HIS A 56 -9.73 -4.04 -3.91
CA HIS A 56 -10.04 -4.10 -2.47
C HIS A 56 -11.26 -3.23 -2.13
N CYS A 57 -11.93 -3.62 -1.02
CA CYS A 57 -13.28 -3.17 -0.73
C CYS A 57 -13.25 -1.70 -0.45
N ASP A 58 -14.10 -0.94 -1.11
CA ASP A 58 -14.21 0.51 -0.86
C ASP A 58 -14.57 0.85 0.57
N VAL A 59 -15.07 -0.09 1.37
CA VAL A 59 -15.43 0.17 2.76
C VAL A 59 -14.31 -0.26 3.71
N CYS A 60 -13.78 -1.46 3.56
CA CYS A 60 -12.94 -2.07 4.58
C CYS A 60 -11.56 -2.40 4.06
N GLY A 61 -11.33 -2.39 2.77
CA GLY A 61 -10.04 -2.70 2.24
C GLY A 61 -9.77 -4.17 2.01
N LYS A 62 -10.62 -5.09 2.48
CA LYS A 62 -10.49 -6.52 2.25
C LYS A 62 -10.63 -6.81 0.77
N PRO A 63 -10.15 -7.99 0.33
CA PRO A 63 -10.28 -8.36 -1.08
C PRO A 63 -11.70 -8.31 -1.62
N SER A 64 -11.86 -7.66 -2.77
CA SER A 64 -13.18 -7.44 -3.31
C SER A 64 -13.72 -8.64 -4.09
N THR A 65 -15.04 -8.75 -4.12
CA THR A 65 -15.74 -9.82 -4.82
C THR A 65 -16.73 -9.29 -5.84
N SER A 66 -17.04 -7.98 -5.85
CA SER A 66 -18.01 -7.42 -6.78
C SER A 66 -17.40 -6.12 -7.29
N PHE A 67 -17.48 -5.82 -8.61
CA PHE A 67 -16.64 -4.81 -9.22
C PHE A 67 -17.42 -3.93 -10.19
N CYS A 68 -17.30 -2.64 -10.02
CA CYS A 68 -17.76 -1.76 -11.06
C CYS A 68 -16.91 -1.90 -12.33
N HIS A 69 -17.55 -1.98 -13.49
CA HIS A 69 -16.71 -2.07 -14.70
C HIS A 69 -16.25 -0.72 -15.24
N LEU A 70 -16.72 0.39 -14.66
CA LEU A 70 -16.45 1.74 -15.13
C LEU A 70 -15.52 2.53 -14.22
N CYS A 71 -15.24 2.07 -13.01
CA CYS A 71 -14.37 2.79 -12.09
C CYS A 71 -13.90 1.78 -11.03
N PRO A 72 -12.97 2.16 -10.17
CA PRO A 72 -12.39 1.14 -9.29
C PRO A 72 -13.24 0.83 -8.06
N ASN A 73 -14.48 1.30 -7.99
CA ASN A 73 -15.32 0.92 -6.88
C ASN A 73 -15.62 -0.58 -6.95
N SER A 74 -15.52 -1.23 -5.82
CA SER A 74 -15.74 -2.66 -5.66
C SER A 74 -15.89 -2.92 -4.18
N PHE A 75 -16.39 -4.12 -3.85
CA PHE A 75 -16.79 -4.44 -2.49
C PHE A 75 -16.51 -5.92 -2.26
N CYS A 76 -16.24 -6.23 -1.01
CA CYS A 76 -16.14 -7.57 -0.53
C CYS A 76 -17.53 -8.17 -0.24
N LYS A 77 -17.56 -9.44 0.15
CA LYS A 77 -18.85 -10.12 0.30
C LYS A 77 -19.71 -9.44 1.35
N GLU A 78 -19.09 -8.94 2.41
CA GLU A 78 -19.86 -8.38 3.50
C GLU A 78 -20.50 -7.07 3.12
N HIS A 79 -19.92 -6.34 2.16
CA HIS A 79 -20.38 -5.00 1.88
C HIS A 79 -20.94 -4.81 0.49
N GLN A 80 -21.14 -5.88 -0.26
CA GLN A 80 -21.60 -5.73 -1.63
C GLN A 80 -23.15 -5.68 -1.64
N PHE A 85 -25.78 -1.60 -7.12
CA PHE A 85 -25.16 -1.92 -8.41
C PHE A 85 -26.22 -2.17 -9.46
N SER A 86 -26.05 -1.58 -10.63
CA SER A 86 -26.98 -1.76 -11.74
C SER A 86 -26.30 -2.65 -12.79
N CYS A 87 -27.06 -3.02 -13.81
CA CYS A 87 -26.51 -3.78 -14.94
C CYS A 87 -27.12 -3.35 -16.29
N ARG A 92 -22.68 -5.27 -18.07
CA ARG A 92 -21.73 -5.27 -16.95
C ARG A 92 -22.27 -4.47 -15.76
N SER A 93 -21.90 -4.86 -14.53
CA SER A 93 -22.37 -4.16 -13.33
C SER A 93 -21.67 -2.81 -13.19
N TYR A 94 -22.40 -1.82 -12.72
CA TYR A 94 -21.79 -0.50 -12.51
C TYR A 94 -22.43 0.13 -11.29
N CYS A 95 -21.68 1.04 -10.68
CA CYS A 95 -22.06 1.68 -9.44
C CYS A 95 -22.78 3.00 -9.67
N SER A 96 -22.92 3.79 -8.59
CA SER A 96 -23.77 4.99 -8.64
C SER A 96 -23.24 6.07 -9.57
N GLU A 97 -21.91 6.26 -9.62
CA GLU A 97 -21.30 7.36 -10.35
C GLU A 97 -21.60 7.36 -11.85
N HIS A 98 -22.40 6.40 -12.32
CA HIS A 98 -22.66 6.26 -13.76
C HIS A 98 -24.15 5.93 -14.01
N ARG B 8 24.54 10.69 10.03
CA ARG B 8 23.54 9.86 10.73
C ARG B 8 23.61 8.37 10.30
N GLN B 9 23.66 7.46 11.27
CA GLN B 9 23.74 6.03 11.00
C GLN B 9 22.34 5.42 11.08
N SER B 10 22.12 4.42 10.25
CA SER B 10 20.87 3.66 10.29
C SER B 10 21.07 2.38 11.07
N GLU B 11 20.01 1.62 11.22
CA GLU B 11 20.05 0.39 11.97
C GLU B 11 20.83 -0.68 11.21
N ASP B 12 21.43 -1.62 11.95
CA ASP B 12 22.15 -2.75 11.36
C ASP B 12 21.36 -4.08 11.42
N GLU B 13 20.03 -4.01 11.50
CA GLU B 13 19.14 -5.17 11.43
C GLU B 13 17.93 -4.80 10.58
N CYS B 14 17.46 -5.79 9.84
CA CYS B 14 16.29 -5.64 8.99
C CYS B 14 15.06 -5.40 9.86
N PHE B 15 14.27 -4.42 9.54
CA PHE B 15 13.06 -4.18 10.32
C PHE B 15 12.00 -5.24 10.12
N ARG B 16 12.02 -5.99 8.99
CA ARG B 16 11.03 -7.03 8.81
C ARG B 16 11.46 -8.30 9.57
N CYS B 17 12.65 -8.81 9.37
CA CYS B 17 13.01 -10.13 9.93
C CYS B 17 13.88 -10.11 11.19
N GLY B 18 14.44 -8.95 11.54
CA GLY B 18 15.32 -8.78 12.69
C GLY B 18 16.79 -9.10 12.49
N ASP B 19 17.16 -9.69 11.35
CA ASP B 19 18.50 -10.16 11.09
C ASP B 19 19.39 -9.10 10.46
N GLY B 20 20.67 -9.23 10.70
CA GLY B 20 21.61 -8.39 10.01
C GLY B 20 21.91 -8.95 8.61
N GLY B 21 23.00 -8.45 8.03
CA GLY B 21 23.49 -8.91 6.72
C GLY B 21 23.53 -7.77 5.68
N GLN B 22 23.12 -8.13 4.45
CA GLN B 22 23.10 -7.15 3.36
C GLN B 22 21.83 -6.33 3.44
N LEU B 23 21.93 -5.07 3.96
CA LEU B 23 20.78 -4.21 4.16
C LEU B 23 20.75 -3.04 3.19
N VAL B 24 19.57 -2.67 2.75
CA VAL B 24 19.34 -1.39 2.07
C VAL B 24 18.65 -0.41 3.01
N LEU B 25 18.91 0.89 2.82
CA LEU B 25 18.41 1.88 3.78
C LEU B 25 17.29 2.77 3.20
N CYS B 26 16.37 3.20 4.04
CA CYS B 26 15.30 4.07 3.61
C CYS B 26 15.81 5.50 3.46
N ASP B 27 15.37 6.20 2.42
CA ASP B 27 15.68 7.57 2.12
C ASP B 27 14.72 8.59 2.75
N ARG B 28 13.68 8.17 3.44
CA ARG B 28 12.81 9.17 4.09
C ARG B 28 13.58 9.89 5.18
N LYS B 29 13.45 11.24 5.23
CA LYS B 29 14.12 12.04 6.22
C LYS B 29 14.03 11.41 7.60
N PHE B 30 15.16 11.26 8.20
CA PHE B 30 15.36 10.73 9.55
C PHE B 30 14.85 9.30 9.82
N CYS B 31 14.44 8.51 8.81
CA CYS B 31 14.16 7.09 9.08
C CYS B 31 15.47 6.32 9.24
N THR B 32 15.54 5.50 10.26
CA THR B 32 16.71 4.71 10.57
C THR B 32 16.55 3.28 10.09
N LYS B 33 15.46 2.96 9.42
CA LYS B 33 15.22 1.55 9.20
C LYS B 33 15.94 1.04 7.96
N ALA B 34 16.32 -0.23 8.04
CA ALA B 34 17.05 -0.91 7.00
C ALA B 34 16.36 -2.23 6.69
N TYR B 35 16.64 -2.79 5.51
CA TYR B 35 15.94 -4.02 5.09
C TYR B 35 16.77 -4.92 4.16
N HIS B 36 16.44 -6.21 4.14
CA HIS B 36 16.99 -7.07 3.12
C HIS B 36 16.12 -6.86 1.91
N LEU B 37 16.71 -6.98 0.71
CA LEU B 37 15.88 -6.89 -0.49
C LEU B 37 14.87 -8.02 -0.56
N SER B 38 15.28 -9.23 -0.17
CA SER B 38 14.38 -10.37 -0.19
C SER B 38 13.21 -10.23 0.77
N CYS B 39 13.38 -9.46 1.87
CA CYS B 39 12.32 -9.19 2.83
C CYS B 39 11.37 -8.11 2.31
N LEU B 40 11.65 -7.54 1.15
CA LEU B 40 10.75 -6.57 0.54
C LEU B 40 9.96 -7.19 -0.58
N GLY B 41 10.25 -8.42 -0.93
CA GLY B 41 9.69 -9.06 -2.12
C GLY B 41 10.30 -8.67 -3.44
N LEU B 42 11.53 -8.12 -3.44
CA LEU B 42 12.16 -7.54 -4.63
C LEU B 42 13.53 -8.17 -4.86
N GLY B 43 13.95 -8.18 -6.14
CA GLY B 43 15.32 -8.48 -6.52
C GLY B 43 16.27 -7.28 -6.54
N LYS B 44 15.71 -6.08 -6.46
CA LYS B 44 16.46 -4.83 -6.43
C LYS B 44 15.46 -3.74 -6.06
N ARG B 45 15.96 -2.65 -5.50
CA ARG B 45 14.99 -1.60 -5.16
C ARG B 45 14.60 -0.87 -6.45
N PRO B 46 13.33 -0.47 -6.60
CA PRO B 46 12.97 0.36 -7.75
C PRO B 46 13.85 1.60 -7.81
N PHE B 47 14.12 2.06 -9.04
CA PHE B 47 15.05 3.15 -9.25
C PHE B 47 14.60 4.38 -8.47
N GLY B 48 15.57 5.07 -7.90
CA GLY B 48 15.39 6.40 -7.38
C GLY B 48 15.41 6.33 -5.88
N LYS B 49 15.26 7.49 -5.29
CA LYS B 49 15.04 7.60 -3.85
C LYS B 49 13.89 6.66 -3.45
N TRP B 50 14.09 5.90 -2.40
CA TRP B 50 13.18 4.82 -2.04
C TRP B 50 12.77 5.09 -0.61
N GLU B 51 11.50 4.92 -0.30
CA GLU B 51 10.97 4.99 1.06
C GLU B 51 10.43 3.64 1.47
N CYS B 52 10.69 3.23 2.72
CA CYS B 52 10.38 1.89 3.15
C CYS B 52 8.89 1.71 3.41
N PRO B 53 8.50 0.45 3.62
CA PRO B 53 7.06 0.14 3.73
C PRO B 53 6.39 0.64 5.01
N TRP B 54 7.13 0.99 6.06
CA TRP B 54 6.52 1.44 7.30
C TRP B 54 5.73 2.73 7.09
N HIS B 55 6.16 3.54 6.15
CA HIS B 55 5.51 4.82 5.98
C HIS B 55 4.18 4.74 5.21
N HIS B 56 3.86 3.62 4.54
CA HIS B 56 2.74 3.52 3.60
C HIS B 56 1.84 2.33 3.88
N CYS B 57 0.56 2.52 3.54
CA CYS B 57 -0.46 1.59 3.95
C CYS B 57 -0.25 0.25 3.27
N ASP B 58 -0.25 -0.80 4.05
CA ASP B 58 -0.15 -2.13 3.46
C ASP B 58 -1.26 -2.47 2.43
N VAL B 59 -2.47 -1.95 2.57
CA VAL B 59 -3.50 -2.20 1.58
C VAL B 59 -3.26 -1.36 0.33
N CYS B 60 -3.19 -0.02 0.47
CA CYS B 60 -3.31 0.87 -0.69
C CYS B 60 -2.15 1.79 -0.99
N GLY B 61 -1.12 1.88 -0.14
CA GLY B 61 0.04 2.72 -0.30
C GLY B 61 -0.12 4.17 0.07
N LYS B 62 -1.28 4.59 0.55
CA LYS B 62 -1.38 5.95 1.08
C LYS B 62 -0.58 6.16 2.38
N PRO B 63 -0.34 7.40 2.76
CA PRO B 63 0.51 7.59 3.95
C PRO B 63 -0.17 6.98 5.16
N SER B 64 0.60 6.22 5.93
CA SER B 64 0.09 5.58 7.11
C SER B 64 -0.12 6.53 8.26
N THR B 65 -1.10 6.18 9.10
CA THR B 65 -1.42 6.86 10.35
C THR B 65 -1.49 5.89 11.57
N SER B 66 -1.45 4.56 11.41
CA SER B 66 -1.36 3.61 12.50
C SER B 66 -0.24 2.66 12.15
N PHE B 67 0.66 2.41 13.10
CA PHE B 67 1.97 1.82 12.85
C PHE B 67 2.24 0.70 13.84
N CYS B 68 2.72 -0.43 13.34
CA CYS B 68 3.28 -1.42 14.27
C CYS B 68 4.59 -0.88 14.84
N HIS B 69 4.85 -0.95 16.12
CA HIS B 69 6.18 -0.50 16.52
C HIS B 69 7.27 -1.55 16.27
N LEU B 70 6.86 -2.76 15.93
CA LEU B 70 7.81 -3.86 15.83
C LEU B 70 8.13 -4.31 14.42
N CYS B 71 7.45 -3.81 13.41
CA CYS B 71 7.70 -4.22 12.03
C CYS B 71 7.10 -3.15 11.13
N PRO B 72 7.30 -3.24 9.84
CA PRO B 72 6.79 -2.17 8.95
C PRO B 72 5.25 -2.18 8.69
N ASN B 73 4.47 -3.15 9.17
CA ASN B 73 3.01 -3.16 9.02
C ASN B 73 2.39 -1.87 9.56
N SER B 74 1.61 -1.22 8.73
CA SER B 74 1.01 0.10 9.04
C SER B 74 -0.16 0.33 8.08
N PHE B 75 -1.07 1.27 8.43
CA PHE B 75 -2.28 1.53 7.63
C PHE B 75 -2.61 3.02 7.68
N CYS B 76 -3.20 3.45 6.58
CA CYS B 76 -3.76 4.80 6.43
C CYS B 76 -5.06 4.97 7.20
N LYS B 77 -5.55 6.21 7.19
CA LYS B 77 -6.74 6.53 7.95
C LYS B 77 -7.91 5.70 7.47
N GLU B 78 -7.96 5.38 6.17
CA GLU B 78 -9.14 4.70 5.64
C GLU B 78 -9.19 3.23 6.02
N HIS B 79 -8.05 2.62 6.26
CA HIS B 79 -7.97 1.18 6.41
C HIS B 79 -7.50 0.79 7.79
N GLN B 80 -7.27 1.77 8.68
CA GLN B 80 -6.78 1.44 10.04
C GLN B 80 -7.88 0.82 10.89
N ASP B 81 -9.13 1.19 10.69
CA ASP B 81 -10.22 0.71 11.53
C ASP B 81 -10.81 -0.59 11.00
N PHE B 85 -4.68 -3.56 15.57
CA PHE B 85 -3.49 -3.65 16.39
C PHE B 85 -3.80 -3.82 17.89
N SER B 86 -2.89 -4.41 18.62
CA SER B 86 -3.01 -4.43 20.07
C SER B 86 -2.19 -3.26 20.55
N CYS B 87 -2.17 -3.03 21.87
CA CYS B 87 -1.43 -1.91 22.40
C CYS B 87 -0.80 -2.28 23.73
N THR B 88 0.51 -2.00 23.86
CA THR B 88 1.25 -2.17 25.09
C THR B 88 0.69 -1.28 26.18
N PRO B 89 0.97 -1.59 27.44
CA PRO B 89 0.60 -0.64 28.50
C PRO B 89 1.13 0.76 28.31
N ASP B 90 2.26 0.92 27.58
CA ASP B 90 2.90 2.21 27.38
C ASP B 90 2.29 3.01 26.23
N GLY B 91 1.38 2.42 25.47
CA GLY B 91 0.74 3.09 24.35
C GLY B 91 1.30 2.75 22.97
N ARG B 92 2.04 1.67 22.83
CA ARG B 92 2.68 1.32 21.57
C ARG B 92 1.91 0.21 20.87
N SER B 93 1.56 0.45 19.60
CA SER B 93 0.72 -0.49 18.87
C SER B 93 1.60 -1.57 18.28
N TYR B 94 1.04 -2.78 18.12
CA TYR B 94 1.75 -3.88 17.45
C TYR B 94 0.75 -4.80 16.76
N CYS B 95 1.22 -5.42 15.68
CA CYS B 95 0.35 -6.14 14.79
C CYS B 95 0.26 -7.60 15.26
N SER B 96 -0.61 -8.35 14.58
CA SER B 96 -0.93 -9.71 14.96
C SER B 96 0.28 -10.63 14.86
N GLU B 97 1.33 -10.29 14.06
CA GLU B 97 2.50 -11.17 13.99
C GLU B 97 3.11 -11.43 15.35
N HIS B 98 3.07 -10.44 16.24
CA HIS B 98 3.77 -10.49 17.51
C HIS B 98 2.81 -10.87 18.65
N ASP B 99 3.16 -11.93 19.35
CA ASP B 99 2.39 -12.38 20.50
C ASP B 99 3.17 -11.89 21.73
N LEU B 100 2.81 -10.71 22.22
CA LEU B 100 3.48 -10.12 23.38
C LEU B 100 2.73 -10.45 24.67
#